data_1RNF
#
_entry.id   1RNF
#
_cell.length_a   32.910
_cell.length_b   94.270
_cell.length_c   40.750
_cell.angle_alpha   90.00
_cell.angle_beta   106.97
_cell.angle_gamma   90.00
#
_symmetry.space_group_name_H-M   'P 1 21 1'
#
loop_
_entity.id
_entity.type
_entity.pdbx_description
1 polymer 'PROTEIN (RIBONUCLEASE 4)'
2 water water
#
_entity_poly.entity_id   1
_entity_poly.type   'polypeptide(L)'
_entity_poly.pdbx_seq_one_letter_code
;MQDGMYQRFLRQHVHPEETGGSDRYCNLMMQRRKMTLYHCKRFNTFIHEDIWNIRSICSTTNIQCKNGKMNCHEGVVKVT
DCRDTGSSRAPNCRYRAIASTRRVVIACEGNPQVPVHFDG
;
_entity_poly.pdbx_strand_id   A,B
#
# COMPACT_ATOMS: atom_id res chain seq x y z
N MET A 1 -2.09 -17.15 22.51
CA MET A 1 -3.20 -16.44 21.82
C MET A 1 -2.90 -16.35 20.35
N GLN A 2 -1.63 -16.59 19.99
CA GLN A 2 -1.21 -16.53 18.60
C GLN A 2 -1.82 -17.62 17.73
N ASP A 3 -2.39 -18.65 18.34
CA ASP A 3 -2.98 -19.73 17.56
C ASP A 3 -4.41 -19.36 17.26
N GLY A 4 -5.05 -18.64 18.16
CA GLY A 4 -6.41 -18.21 17.92
C GLY A 4 -6.36 -17.10 16.88
N MET A 5 -5.32 -16.28 16.96
CA MET A 5 -5.09 -15.16 16.05
C MET A 5 -4.68 -15.65 14.66
N TYR A 6 -3.88 -16.71 14.63
CA TYR A 6 -3.45 -17.29 13.36
C TYR A 6 -4.64 -17.92 12.63
N GLN A 7 -5.54 -18.54 13.39
CA GLN A 7 -6.71 -19.17 12.80
C GLN A 7 -7.67 -18.13 12.25
N ARG A 8 -7.88 -17.03 12.96
CA ARG A 8 -8.75 -15.95 12.49
C ARG A 8 -8.16 -15.28 11.23
N PHE A 9 -6.83 -15.24 11.16
CA PHE A 9 -6.11 -14.66 10.01
C PHE A 9 -6.38 -15.51 8.76
N LEU A 10 -6.34 -16.83 8.91
CA LEU A 10 -6.55 -17.73 7.78
C LEU A 10 -7.98 -17.57 7.31
N ARG A 11 -8.92 -17.63 8.24
CA ARG A 11 -10.33 -17.51 7.87
C ARG A 11 -10.63 -16.19 7.17
N GLN A 12 -10.02 -15.11 7.62
CA GLN A 12 -10.30 -13.80 7.02
C GLN A 12 -9.52 -13.46 5.76
N HIS A 13 -8.26 -13.87 5.67
CA HIS A 13 -7.40 -13.48 4.55
C HIS A 13 -6.79 -14.53 3.63
N VAL A 14 -6.94 -15.81 3.92
CA VAL A 14 -6.30 -16.81 3.06
C VAL A 14 -7.23 -17.73 2.21
N HIS A 15 -6.95 -17.78 0.92
CA HIS A 15 -7.71 -18.61 -0.01
C HIS A 15 -6.79 -18.97 -1.18
N PRO A 16 -5.94 -19.97 -1.01
CA PRO A 16 -5.01 -20.37 -2.06
C PRO A 16 -5.62 -21.00 -3.31
N GLU A 17 -6.67 -21.77 -3.13
CA GLU A 17 -7.33 -22.49 -4.24
C GLU A 17 -7.94 -21.67 -5.37
N GLU A 18 -8.47 -20.49 -5.05
CA GLU A 18 -9.12 -19.62 -6.04
C GLU A 18 -8.26 -18.43 -6.44
N THR A 19 -8.67 -17.69 -7.48
CA THR A 19 -7.95 -16.49 -7.97
C THR A 19 -8.83 -15.24 -7.78
N GLY A 20 -10.09 -15.47 -7.41
CA GLY A 20 -11.07 -14.43 -7.18
C GLY A 20 -11.08 -13.36 -8.25
N GLY A 21 -11.04 -12.10 -7.81
CA GLY A 21 -11.01 -10.97 -8.72
C GLY A 21 -12.30 -10.41 -9.24
N SER A 22 -13.42 -10.75 -8.64
CA SER A 22 -14.68 -10.23 -9.12
C SER A 22 -15.56 -9.83 -7.93
N ASP A 23 -16.55 -8.99 -8.17
CA ASP A 23 -17.46 -8.56 -7.12
C ASP A 23 -18.17 -9.77 -6.51
N ARG A 24 -18.60 -10.67 -7.38
CA ARG A 24 -19.32 -11.87 -6.96
C ARG A 24 -18.49 -12.73 -6.00
N TYR A 25 -17.19 -12.78 -6.25
CA TYR A 25 -16.26 -13.54 -5.42
C TYR A 25 -16.22 -12.90 -4.01
N CYS A 26 -16.25 -11.57 -3.94
CA CYS A 26 -16.21 -10.84 -2.67
C CYS A 26 -17.50 -11.08 -1.93
N ASN A 27 -18.62 -10.94 -2.62
CA ASN A 27 -19.92 -11.13 -2.02
C ASN A 27 -20.09 -12.53 -1.38
N LEU A 28 -19.50 -13.52 -2.03
CA LEU A 28 -19.59 -14.91 -1.60
C LEU A 28 -18.62 -15.22 -0.48
N MET A 29 -17.35 -14.91 -0.70
CA MET A 29 -16.32 -15.17 0.30
C MET A 29 -16.47 -14.38 1.58
N MET A 30 -16.87 -13.11 1.48
CA MET A 30 -17.00 -12.30 2.69
C MET A 30 -18.05 -12.92 3.58
N GLN A 31 -19.04 -13.54 2.95
CA GLN A 31 -20.13 -14.18 3.67
C GLN A 31 -19.74 -15.55 4.25
N ARG A 32 -19.12 -16.35 3.39
CA ARG A 32 -18.68 -17.70 3.73
C ARG A 32 -17.65 -17.66 4.86
N ARG A 33 -16.81 -16.63 4.86
CA ARG A 33 -15.77 -16.50 5.87
C ARG A 33 -16.22 -15.77 7.12
N LYS A 34 -17.54 -15.55 7.22
CA LYS A 34 -18.13 -14.95 8.40
C LYS A 34 -17.83 -13.51 8.69
N MET A 35 -17.62 -12.70 7.68
CA MET A 35 -17.34 -11.31 7.93
C MET A 35 -18.52 -10.38 7.71
N THR A 36 -19.72 -10.92 7.52
CA THR A 36 -20.89 -10.10 7.31
C THR A 36 -21.95 -10.60 8.25
N LEU A 37 -21.51 -11.28 9.29
CA LEU A 37 -22.41 -11.84 10.28
C LEU A 37 -23.40 -10.82 10.87
N TYR A 38 -22.87 -9.79 11.54
CA TYR A 38 -23.71 -8.77 12.16
C TYR A 38 -23.61 -7.41 11.48
N HIS A 39 -22.49 -7.18 10.80
CA HIS A 39 -22.22 -5.89 10.16
C HIS A 39 -21.38 -6.15 8.91
N CYS A 40 -21.44 -5.26 7.92
CA CYS A 40 -20.62 -5.46 6.72
C CYS A 40 -19.20 -4.96 6.95
N LYS A 41 -18.24 -5.86 7.01
CA LYS A 41 -16.84 -5.44 7.21
C LYS A 41 -16.56 -4.49 6.04
N ARG A 42 -16.03 -3.31 6.35
CA ARG A 42 -15.81 -2.32 5.32
C ARG A 42 -14.82 -2.67 4.25
N PHE A 43 -13.69 -3.24 4.65
CA PHE A 43 -12.68 -3.56 3.68
C PHE A 43 -11.96 -4.83 4.11
N ASN A 44 -11.64 -5.69 3.15
CA ASN A 44 -10.91 -6.94 3.43
C ASN A 44 -10.12 -7.37 2.21
N THR A 45 -8.98 -8.01 2.43
CA THR A 45 -8.13 -8.51 1.36
C THR A 45 -8.05 -10.03 1.51
N PHE A 46 -8.07 -10.73 0.38
CA PHE A 46 -7.92 -12.18 0.39
C PHE A 46 -6.58 -12.50 -0.28
N ILE A 47 -5.80 -13.38 0.31
CA ILE A 47 -4.56 -13.68 -0.32
C ILE A 47 -4.67 -15.00 -1.06
N HIS A 48 -4.30 -15.03 -2.33
CA HIS A 48 -4.40 -16.25 -3.10
C HIS A 48 -3.01 -16.86 -3.25
N GLU A 49 -2.47 -17.38 -2.15
CA GLU A 49 -1.15 -18.00 -2.13
C GLU A 49 -1.18 -19.19 -1.18
N ASP A 50 -0.19 -20.07 -1.31
CA ASP A 50 -0.09 -21.24 -0.46
C ASP A 50 0.22 -20.82 0.98
N ILE A 51 -0.38 -21.52 1.94
CA ILE A 51 -0.20 -21.24 3.36
C ILE A 51 1.27 -21.15 3.78
N TRP A 52 2.12 -21.94 3.15
CA TRP A 52 3.53 -21.94 3.49
C TRP A 52 4.25 -20.77 2.84
N ASN A 53 3.69 -20.25 1.76
CA ASN A 53 4.28 -19.11 1.09
C ASN A 53 4.08 -17.90 1.96
N ILE A 54 2.94 -17.88 2.64
CA ILE A 54 2.59 -16.79 3.54
C ILE A 54 3.29 -16.88 4.92
N ARG A 55 3.45 -18.08 5.47
CA ARG A 55 4.12 -18.23 6.74
C ARG A 55 5.58 -17.89 6.54
N SER A 56 6.03 -18.04 5.29
CA SER A 56 7.41 -17.74 4.91
C SER A 56 7.71 -16.23 4.84
N ILE A 57 6.67 -15.40 4.79
CA ILE A 57 6.85 -13.95 4.77
C ILE A 57 7.32 -13.53 6.17
N CYS A 58 6.95 -14.30 7.20
CA CYS A 58 7.38 -14.00 8.57
C CYS A 58 8.87 -14.01 8.72
N SER A 59 9.58 -14.71 7.83
CA SER A 59 11.02 -14.78 7.95
C SER A 59 11.80 -13.69 7.24
N THR A 60 11.13 -12.78 6.58
CA THR A 60 11.86 -11.70 5.91
C THR A 60 12.25 -10.64 6.94
N THR A 61 13.13 -9.74 6.55
CA THR A 61 13.58 -8.68 7.44
C THR A 61 12.38 -7.96 8.04
N ASN A 62 12.54 -7.47 9.26
CA ASN A 62 11.50 -6.76 9.97
C ASN A 62 11.31 -5.31 9.50
N ILE A 63 10.05 -4.87 9.45
CA ILE A 63 9.71 -3.50 9.09
C ILE A 63 8.66 -2.98 10.06
N GLN A 64 8.43 -1.67 10.06
CA GLN A 64 7.48 -1.09 10.99
C GLN A 64 6.00 -1.31 10.69
N CYS A 65 5.23 -1.63 11.72
CA CYS A 65 3.80 -1.81 11.55
C CYS A 65 3.24 -0.41 11.67
N LYS A 66 1.97 -0.24 11.34
CA LYS A 66 1.32 1.05 11.42
C LYS A 66 1.22 1.53 12.86
N ASN A 67 1.34 0.59 13.82
CA ASN A 67 1.24 0.88 15.24
C ASN A 67 2.55 1.12 15.96
N GLY A 68 3.66 1.15 15.24
CA GLY A 68 4.93 1.36 15.89
C GLY A 68 5.78 0.12 16.16
N LYS A 69 5.14 -1.04 16.35
CA LYS A 69 5.90 -2.26 16.61
C LYS A 69 6.72 -2.62 15.40
N MET A 70 7.73 -3.46 15.60
CA MET A 70 8.59 -3.87 14.51
C MET A 70 8.50 -5.35 14.17
N ASN A 71 7.32 -5.92 14.34
CA ASN A 71 7.16 -7.34 14.04
C ASN A 71 6.33 -7.55 12.77
N CYS A 72 6.49 -6.66 11.79
CA CYS A 72 5.75 -6.75 10.55
C CYS A 72 6.72 -7.11 9.47
N HIS A 73 6.17 -7.63 8.38
CA HIS A 73 6.96 -8.10 7.23
C HIS A 73 6.15 -7.87 5.98
N GLU A 74 6.84 -7.83 4.86
CA GLU A 74 6.17 -7.57 3.61
C GLU A 74 6.45 -8.61 2.55
N GLY A 75 5.52 -8.70 1.61
CA GLY A 75 5.66 -9.62 0.49
C GLY A 75 4.72 -9.22 -0.63
N VAL A 76 5.08 -9.53 -1.88
CA VAL A 76 4.20 -9.21 -3.03
C VAL A 76 3.41 -10.48 -3.38
N VAL A 77 2.09 -10.40 -3.21
CA VAL A 77 1.23 -11.54 -3.45
C VAL A 77 -0.04 -11.22 -4.24
N LYS A 78 -0.63 -12.26 -4.82
CA LYS A 78 -1.88 -12.11 -5.56
C LYS A 78 -2.96 -11.94 -4.53
N VAL A 79 -3.77 -10.92 -4.69
CA VAL A 79 -4.83 -10.66 -3.73
C VAL A 79 -6.09 -10.18 -4.45
N THR A 80 -7.17 -10.10 -3.68
CA THR A 80 -8.44 -9.59 -4.11
C THR A 80 -8.82 -8.70 -2.92
N ASP A 81 -8.99 -7.41 -3.18
CA ASP A 81 -9.41 -6.44 -2.17
C ASP A 81 -10.91 -6.25 -2.33
N CYS A 82 -11.66 -6.39 -1.26
CA CYS A 82 -13.11 -6.24 -1.26
C CYS A 82 -13.50 -5.00 -0.44
N ARG A 83 -14.25 -4.10 -1.04
CA ARG A 83 -14.69 -2.86 -0.40
C ARG A 83 -16.20 -2.79 -0.35
N ASP A 84 -16.77 -2.60 0.84
CA ASP A 84 -18.21 -2.52 0.98
C ASP A 84 -18.77 -1.36 0.13
N THR A 85 -19.88 -1.56 -0.57
CA THR A 85 -20.44 -0.48 -1.41
C THR A 85 -21.35 0.44 -0.60
N GLY A 86 -21.86 -0.02 0.54
CA GLY A 86 -22.71 0.85 1.34
C GLY A 86 -24.16 0.89 0.92
N SER A 87 -24.48 0.19 -0.17
CA SER A 87 -25.85 0.12 -0.66
C SER A 87 -26.75 -0.57 0.34
N SER A 88 -26.28 -1.70 0.89
CA SER A 88 -27.06 -2.43 1.90
C SER A 88 -26.31 -2.91 3.14
N ARG A 89 -27.07 -3.44 4.09
CA ARG A 89 -26.56 -3.90 5.37
C ARG A 89 -26.59 -5.39 5.49
N ALA A 90 -25.77 -5.92 6.41
CA ALA A 90 -25.72 -7.36 6.68
C ALA A 90 -27.16 -7.85 6.83
N PRO A 91 -27.44 -9.12 6.40
CA PRO A 91 -26.54 -10.09 5.81
C PRO A 91 -26.38 -9.97 4.31
N ASN A 92 -27.00 -8.95 3.70
CA ASN A 92 -26.94 -8.74 2.24
C ASN A 92 -25.93 -7.69 1.84
N CYS A 93 -24.67 -7.90 2.25
CA CYS A 93 -23.59 -6.97 1.96
C CYS A 93 -23.10 -7.09 0.53
N ARG A 94 -22.92 -5.96 -0.13
CA ARG A 94 -22.43 -5.95 -1.49
C ARG A 94 -21.07 -5.28 -1.57
N TYR A 95 -20.14 -5.93 -2.26
CA TYR A 95 -18.78 -5.48 -2.39
C TYR A 95 -18.36 -5.28 -3.81
N ARG A 96 -17.30 -4.51 -3.97
CA ARG A 96 -16.71 -4.25 -5.27
C ARG A 96 -15.33 -4.87 -5.08
N ALA A 97 -14.81 -5.51 -6.13
CA ALA A 97 -13.51 -6.15 -6.00
C ALA A 97 -12.48 -5.54 -6.92
N ILE A 98 -11.22 -5.63 -6.51
CA ILE A 98 -10.09 -5.17 -7.30
C ILE A 98 -9.04 -6.29 -7.15
N ALA A 99 -8.51 -6.76 -8.28
CA ALA A 99 -7.54 -7.81 -8.27
C ALA A 99 -6.21 -7.22 -8.63
N SER A 100 -5.16 -7.78 -8.02
CA SER A 100 -3.83 -7.34 -8.30
C SER A 100 -2.87 -8.25 -7.59
N THR A 101 -1.59 -8.06 -7.94
CA THR A 101 -0.50 -8.80 -7.32
C THR A 101 0.17 -7.55 -6.72
N ARG A 102 0.15 -7.40 -5.40
CA ARG A 102 0.70 -6.24 -4.75
C ARG A 102 1.40 -6.54 -3.47
N ARG A 103 2.11 -5.52 -2.99
CA ARG A 103 2.83 -5.58 -1.74
C ARG A 103 1.87 -5.55 -0.58
N VAL A 104 2.02 -6.50 0.35
CA VAL A 104 1.15 -6.52 1.51
C VAL A 104 2.04 -6.54 2.74
N VAL A 105 1.44 -6.19 3.88
CA VAL A 105 2.16 -6.15 5.13
C VAL A 105 1.39 -6.93 6.20
N ILE A 106 2.08 -7.85 6.84
CA ILE A 106 1.46 -8.68 7.87
C ILE A 106 2.31 -8.71 9.14
N ALA A 107 1.65 -8.95 10.26
CA ALA A 107 2.32 -9.07 11.55
C ALA A 107 2.46 -10.55 11.96
N CYS A 108 3.65 -10.96 12.35
CA CYS A 108 3.93 -12.34 12.79
C CYS A 108 4.33 -12.40 14.26
N GLU A 109 3.86 -13.43 14.96
CA GLU A 109 4.13 -13.59 16.39
C GLU A 109 4.38 -15.06 16.75
N GLY A 110 4.97 -15.27 17.92
CA GLY A 110 5.18 -16.64 18.37
C GLY A 110 6.44 -17.32 17.95
N ASN A 111 6.62 -18.53 18.48
CA ASN A 111 7.76 -19.34 18.16
C ASN A 111 7.29 -20.79 18.04
N PRO A 112 7.22 -21.34 16.83
CA PRO A 112 7.55 -20.70 15.58
C PRO A 112 6.57 -19.63 15.23
N GLN A 113 7.06 -18.79 14.34
CA GLN A 113 6.24 -17.70 13.95
C GLN A 113 5.12 -17.95 13.01
N VAL A 114 4.00 -17.29 13.29
CA VAL A 114 2.83 -17.38 12.45
C VAL A 114 2.22 -15.97 12.23
N PRO A 115 1.53 -15.76 11.08
CA PRO A 115 0.88 -14.48 10.77
C PRO A 115 -0.30 -14.29 11.73
N VAL A 116 -0.37 -13.15 12.41
CA VAL A 116 -1.47 -12.95 13.36
C VAL A 116 -2.31 -11.71 13.03
N HIS A 117 -1.84 -10.92 12.08
CA HIS A 117 -2.54 -9.70 11.72
C HIS A 117 -2.15 -9.22 10.33
N PHE A 118 -3.13 -8.73 9.60
CA PHE A 118 -2.94 -8.19 8.26
C PHE A 118 -2.83 -6.68 8.46
N ASP A 119 -1.64 -6.12 8.27
CA ASP A 119 -1.48 -4.70 8.49
C ASP A 119 -1.98 -3.84 7.32
N GLY A 120 -1.46 -4.08 6.11
CA GLY A 120 -1.90 -3.33 4.95
C GLY A 120 -1.56 -3.96 3.62
N MET B 1 -8.30 19.05 -13.98
CA MET B 1 -7.06 19.29 -13.21
C MET B 1 -6.52 17.99 -12.62
N GLN B 2 -7.44 17.06 -12.33
CA GLN B 2 -7.07 15.76 -11.76
C GLN B 2 -6.28 14.93 -12.77
N ASP B 3 -6.52 15.18 -14.05
CA ASP B 3 -5.85 14.44 -15.12
C ASP B 3 -4.40 14.89 -15.27
N GLY B 4 -4.22 16.16 -15.60
CA GLY B 4 -2.88 16.70 -15.77
C GLY B 4 -2.03 16.52 -14.53
N MET B 5 -2.68 16.49 -13.38
CA MET B 5 -1.99 16.32 -12.11
C MET B 5 -1.52 14.87 -11.94
N TYR B 6 -2.21 13.96 -12.62
CA TYR B 6 -1.90 12.53 -12.57
C TYR B 6 -0.55 12.31 -13.24
N GLN B 7 -0.41 12.81 -14.46
CA GLN B 7 0.83 12.67 -15.20
C GLN B 7 1.94 13.27 -14.36
N ARG B 8 1.58 14.34 -13.68
CA ARG B 8 2.49 15.08 -12.83
C ARG B 8 2.88 14.20 -11.61
N PHE B 9 1.89 13.52 -11.04
CA PHE B 9 2.16 12.66 -9.92
C PHE B 9 3.11 11.55 -10.35
N LEU B 10 2.92 11.04 -11.56
CA LEU B 10 3.77 9.96 -12.07
C LEU B 10 5.22 10.38 -12.26
N ARG B 11 5.39 11.51 -12.94
CA ARG B 11 6.70 12.02 -13.24
C ARG B 11 7.57 12.35 -12.02
N GLN B 12 6.97 12.80 -10.93
CA GLN B 12 7.77 13.16 -9.77
C GLN B 12 7.97 12.10 -8.71
N HIS B 13 6.92 11.32 -8.48
CA HIS B 13 6.95 10.31 -7.44
C HIS B 13 6.84 8.84 -7.79
N VAL B 14 6.92 8.47 -9.05
CA VAL B 14 6.74 7.06 -9.35
C VAL B 14 7.83 6.42 -10.17
N HIS B 15 8.36 5.31 -9.67
CA HIS B 15 9.41 4.57 -10.36
C HIS B 15 9.38 3.06 -9.97
N PRO B 16 8.59 2.27 -10.73
CA PRO B 16 8.45 0.83 -10.49
C PRO B 16 9.66 0.04 -10.98
N GLU B 17 9.73 -1.22 -10.60
CA GLU B 17 10.82 -2.06 -11.05
C GLU B 17 12.18 -1.50 -10.60
N GLU B 18 12.20 -0.72 -9.53
CA GLU B 18 13.47 -0.19 -9.03
C GLU B 18 13.67 -0.51 -7.57
N THR B 19 14.92 -0.48 -7.15
CA THR B 19 15.24 -0.73 -5.77
C THR B 19 15.63 0.62 -5.18
N GLY B 20 16.14 1.50 -6.05
CA GLY B 20 16.56 2.83 -5.62
C GLY B 20 17.29 2.75 -4.29
N GLY B 21 16.85 3.54 -3.33
CA GLY B 21 17.47 3.51 -2.01
C GLY B 21 18.93 3.87 -1.83
N SER B 22 19.57 4.47 -2.83
CA SER B 22 20.96 4.90 -2.72
C SER B 22 21.13 6.41 -3.05
N ASP B 23 22.10 7.07 -2.43
CA ASP B 23 22.34 8.51 -2.67
C ASP B 23 22.59 8.78 -4.15
N ARG B 24 23.44 7.97 -4.76
CA ARG B 24 23.74 8.15 -6.17
C ARG B 24 22.44 8.03 -6.98
N TYR B 25 21.51 7.18 -6.53
CA TYR B 25 20.24 7.01 -7.23
C TYR B 25 19.44 8.32 -7.11
N CYS B 26 19.43 8.91 -5.91
CA CYS B 26 18.74 10.16 -5.64
C CYS B 26 19.29 11.29 -6.49
N ASN B 27 20.61 11.42 -6.48
CA ASN B 27 21.25 12.47 -7.26
C ASN B 27 20.84 12.39 -8.73
N LEU B 28 20.93 11.19 -9.32
CA LEU B 28 20.59 10.94 -10.75
C LEU B 28 19.11 11.22 -11.06
N MET B 29 18.20 10.62 -10.31
CA MET B 29 16.76 10.80 -10.52
C MET B 29 16.17 12.22 -10.27
N MET B 30 16.64 12.92 -9.24
CA MET B 30 16.11 14.27 -8.98
C MET B 30 16.53 15.19 -10.13
N GLN B 31 17.72 14.92 -10.67
CA GLN B 31 18.25 15.68 -11.78
C GLN B 31 17.52 15.37 -13.07
N ARG B 32 17.57 14.13 -13.50
CA ARG B 32 16.89 13.71 -14.72
C ARG B 32 15.42 14.09 -14.69
N ARG B 33 14.82 14.03 -13.51
CA ARG B 33 13.40 14.36 -13.39
C ARG B 33 13.12 15.85 -13.24
N LYS B 34 14.14 16.68 -13.50
CA LYS B 34 14.00 18.15 -13.45
C LYS B 34 13.63 18.77 -12.09
N MET B 35 14.20 18.25 -11.02
CA MET B 35 13.89 18.80 -9.72
C MET B 35 15.14 19.43 -9.10
N THR B 36 16.10 19.78 -9.95
CA THR B 36 17.35 20.41 -9.52
C THR B 36 17.78 21.44 -10.55
N LEU B 37 16.84 21.85 -11.38
CA LEU B 37 17.07 22.80 -12.47
C LEU B 37 17.55 24.17 -12.02
N TYR B 38 16.68 24.89 -11.33
CA TYR B 38 16.97 26.22 -10.83
C TYR B 38 17.23 26.21 -9.33
N HIS B 39 16.67 25.22 -8.64
CA HIS B 39 16.85 25.07 -7.21
C HIS B 39 16.85 23.56 -6.84
N CYS B 40 17.39 23.23 -5.68
CA CYS B 40 17.40 21.84 -5.26
C CYS B 40 16.11 21.55 -4.52
N LYS B 41 15.29 20.63 -5.02
CA LYS B 41 14.08 20.31 -4.29
C LYS B 41 14.59 19.74 -2.97
N ARG B 42 14.08 20.26 -1.85
CA ARG B 42 14.53 19.81 -0.52
C ARG B 42 14.27 18.34 -0.20
N PHE B 43 13.07 17.85 -0.54
CA PHE B 43 12.71 16.48 -0.27
C PHE B 43 11.77 15.96 -1.35
N ASN B 44 11.97 14.71 -1.76
CA ASN B 44 11.10 14.07 -2.72
C ASN B 44 11.07 12.58 -2.43
N THR B 45 9.90 11.97 -2.63
CA THR B 45 9.65 10.53 -2.44
C THR B 45 9.34 9.84 -3.78
N PHE B 46 10.15 8.83 -4.12
CA PHE B 46 9.92 8.07 -5.36
C PHE B 46 9.27 6.74 -4.95
N ILE B 47 8.09 6.46 -5.49
CA ILE B 47 7.39 5.22 -5.16
C ILE B 47 7.75 4.07 -6.12
N HIS B 48 8.28 3.01 -5.54
CA HIS B 48 8.68 1.84 -6.29
C HIS B 48 7.63 0.73 -6.30
N GLU B 49 6.48 1.04 -6.90
CA GLU B 49 5.37 0.10 -7.01
C GLU B 49 4.77 0.29 -8.39
N ASP B 50 3.87 -0.63 -8.73
CA ASP B 50 3.17 -0.59 -10.01
C ASP B 50 2.13 0.51 -9.97
N ILE B 51 2.01 1.20 -11.09
CA ILE B 51 1.02 2.25 -11.22
C ILE B 51 -0.30 1.70 -10.73
N TRP B 52 -0.65 0.53 -11.24
CA TRP B 52 -1.90 -0.16 -10.87
C TRP B 52 -2.01 -0.30 -9.36
N ASN B 53 -0.94 -0.76 -8.72
CA ASN B 53 -0.92 -0.95 -7.26
C ASN B 53 -1.05 0.37 -6.54
N ILE B 54 -0.46 1.42 -7.12
CA ILE B 54 -0.56 2.74 -6.51
C ILE B 54 -1.96 3.36 -6.62
N ARG B 55 -2.70 3.08 -7.69
CA ARG B 55 -4.04 3.64 -7.83
C ARG B 55 -5.03 2.91 -6.93
N SER B 56 -4.76 1.65 -6.63
CA SER B 56 -5.67 0.90 -5.78
C SER B 56 -5.76 1.49 -4.37
N ILE B 57 -4.71 2.22 -3.97
CA ILE B 57 -4.68 2.86 -2.66
C ILE B 57 -5.87 3.81 -2.53
N CYS B 58 -6.25 4.44 -3.64
CA CYS B 58 -7.39 5.38 -3.67
C CYS B 58 -8.69 4.67 -3.37
N SER B 59 -8.64 3.35 -3.42
CA SER B 59 -9.84 2.54 -3.18
C SER B 59 -10.02 2.20 -1.71
N THR B 60 -9.14 2.76 -0.88
CA THR B 60 -9.17 2.54 0.55
C THR B 60 -9.93 3.64 1.34
N THR B 61 -10.15 3.38 2.64
CA THR B 61 -10.86 4.31 3.53
C THR B 61 -10.37 5.75 3.44
N ASN B 62 -11.31 6.66 3.24
CA ASN B 62 -11.04 8.11 3.08
C ASN B 62 -10.52 8.79 4.35
N ILE B 63 -9.43 9.53 4.20
CA ILE B 63 -8.86 10.24 5.34
C ILE B 63 -8.54 11.68 4.96
N GLN B 64 -8.54 12.56 5.96
CA GLN B 64 -8.30 13.97 5.76
C GLN B 64 -6.84 14.28 5.54
N CYS B 65 -6.58 15.16 4.58
CA CYS B 65 -5.22 15.57 4.27
C CYS B 65 -4.73 16.70 5.17
N LYS B 66 -3.57 17.25 4.78
CA LYS B 66 -2.92 18.33 5.50
C LYS B 66 -3.64 19.65 5.29
N ASN B 67 -4.57 19.66 4.32
CA ASN B 67 -5.32 20.85 4.03
C ASN B 67 -6.74 20.80 4.58
N GLY B 68 -7.13 19.66 5.13
CA GLY B 68 -8.47 19.54 5.70
C GLY B 68 -9.42 18.69 4.87
N LYS B 69 -9.10 18.57 3.59
CA LYS B 69 -9.90 17.77 2.67
C LYS B 69 -9.86 16.30 3.10
N MET B 70 -10.83 15.53 2.65
CA MET B 70 -10.86 14.11 2.99
C MET B 70 -10.58 13.23 1.76
N ASN B 71 -10.02 13.82 0.72
CA ASN B 71 -9.70 13.05 -0.47
C ASN B 71 -8.35 12.33 -0.30
N CYS B 72 -8.04 11.96 0.94
CA CYS B 72 -6.77 11.28 1.23
C CYS B 72 -6.95 9.82 1.56
N HIS B 73 -5.92 9.04 1.20
CA HIS B 73 -5.92 7.60 1.37
C HIS B 73 -4.53 7.14 1.82
N GLU B 74 -4.46 6.23 2.79
CA GLU B 74 -3.15 5.78 3.29
C GLU B 74 -2.77 4.42 2.76
N GLY B 75 -1.46 4.18 2.62
CA GLY B 75 -1.03 2.89 2.11
C GLY B 75 0.41 2.64 2.47
N VAL B 76 0.84 1.38 2.42
CA VAL B 76 2.22 1.04 2.74
C VAL B 76 2.93 0.60 1.47
N VAL B 77 3.93 1.35 1.05
CA VAL B 77 4.60 1.00 -0.18
C VAL B 77 6.07 1.13 0.02
N LYS B 78 6.82 0.55 -0.90
CA LYS B 78 8.26 0.63 -0.88
C LYS B 78 8.62 1.97 -1.55
N VAL B 79 9.47 2.76 -0.90
CA VAL B 79 9.89 4.06 -1.43
C VAL B 79 11.38 4.33 -1.24
N THR B 80 11.87 5.39 -1.88
CA THR B 80 13.23 5.89 -1.65
C THR B 80 12.95 7.37 -1.33
N ASP B 81 13.24 7.80 -0.11
CA ASP B 81 13.04 9.19 0.28
C ASP B 81 14.38 9.87 0.00
N CYS B 82 14.36 10.97 -0.74
CA CYS B 82 15.60 11.69 -1.09
C CYS B 82 15.59 13.03 -0.39
N ARG B 83 16.62 13.29 0.43
CA ARG B 83 16.73 14.54 1.20
C ARG B 83 17.92 15.37 0.77
N ASP B 84 17.72 16.67 0.58
CA ASP B 84 18.82 17.56 0.17
C ASP B 84 19.75 17.68 1.35
N THR B 85 21.02 17.42 1.15
CA THR B 85 21.96 17.56 2.26
C THR B 85 22.29 19.02 2.54
N GLY B 86 21.92 19.94 1.65
CA GLY B 86 22.19 21.36 1.85
C GLY B 86 23.62 21.75 1.55
N SER B 87 24.43 20.75 1.29
CA SER B 87 25.85 20.92 1.01
C SER B 87 26.18 21.73 -0.25
N SER B 88 25.21 21.81 -1.16
CA SER B 88 25.39 22.51 -2.43
C SER B 88 24.05 23.04 -2.92
N ARG B 89 24.12 23.94 -3.89
CA ARG B 89 22.92 24.51 -4.49
C ARG B 89 22.98 24.08 -5.96
N ALA B 90 21.88 24.29 -6.68
CA ALA B 90 21.76 23.96 -8.09
C ALA B 90 22.97 24.51 -8.79
N PRO B 91 23.52 23.80 -9.79
CA PRO B 91 23.12 22.51 -10.37
C PRO B 91 23.58 21.27 -9.61
N ASN B 92 24.58 21.43 -8.72
CA ASN B 92 25.13 20.33 -7.93
C ASN B 92 24.39 19.96 -6.65
N CYS B 93 23.11 19.60 -6.74
CA CYS B 93 22.46 19.22 -5.52
C CYS B 93 23.00 17.87 -5.07
N ARG B 94 23.20 17.66 -3.76
CA ARG B 94 23.66 16.36 -3.27
C ARG B 94 22.67 15.84 -2.22
N TYR B 95 21.97 14.76 -2.56
CA TYR B 95 20.95 14.19 -1.66
C TYR B 95 21.42 13.00 -0.87
N ARG B 96 20.63 12.69 0.13
CA ARG B 96 20.82 11.55 1.00
C ARG B 96 19.60 10.68 0.74
N ALA B 97 19.81 9.40 0.44
CA ALA B 97 18.67 8.50 0.18
C ALA B 97 18.33 7.67 1.41
N ILE B 98 17.05 7.56 1.71
CA ILE B 98 16.58 6.74 2.84
C ILE B 98 15.55 5.74 2.25
N ALA B 99 16.04 4.53 2.00
CA ALA B 99 15.22 3.44 1.43
C ALA B 99 14.37 2.74 2.46
N SER B 100 13.10 2.52 2.15
CA SER B 100 12.23 1.87 3.11
C SER B 100 10.83 1.55 2.62
N THR B 101 10.13 0.70 3.40
CA THR B 101 8.75 0.34 3.11
C THR B 101 8.04 1.02 4.26
N ARG B 102 7.28 2.07 3.95
CA ARG B 102 6.58 2.84 4.97
C ARG B 102 5.20 3.21 4.53
N ARG B 103 4.45 3.72 5.50
CA ARG B 103 3.10 4.17 5.29
C ARG B 103 3.14 5.59 4.69
N VAL B 104 2.44 5.77 3.56
CA VAL B 104 2.37 7.07 2.90
C VAL B 104 0.92 7.47 2.71
N VAL B 105 0.73 8.73 2.37
CA VAL B 105 -0.59 9.31 2.17
C VAL B 105 -0.63 10.01 0.81
N ILE B 106 -1.63 9.62 0.03
CA ILE B 106 -1.87 10.11 -1.33
C ILE B 106 -3.25 10.79 -1.36
N ALA B 107 -3.37 11.85 -2.14
CA ALA B 107 -4.62 12.57 -2.30
C ALA B 107 -5.14 12.15 -3.66
N CYS B 108 -6.38 11.66 -3.70
CA CYS B 108 -6.93 11.21 -4.98
C CYS B 108 -8.08 12.08 -5.38
N GLU B 109 -8.27 12.29 -6.67
CA GLU B 109 -9.40 13.09 -7.11
C GLU B 109 -10.16 12.46 -8.29
N GLY B 110 -11.48 12.64 -8.29
CA GLY B 110 -12.28 12.10 -9.38
C GLY B 110 -13.07 10.87 -9.01
N ASN B 111 -13.89 10.43 -9.96
CA ASN B 111 -14.76 9.27 -9.83
C ASN B 111 -14.91 8.70 -11.24
N PRO B 112 -14.09 7.72 -11.64
CA PRO B 112 -12.97 7.00 -11.02
C PRO B 112 -11.87 7.86 -10.39
N GLN B 113 -11.36 7.40 -9.24
CA GLN B 113 -10.33 8.10 -8.47
C GLN B 113 -8.88 7.87 -8.86
N VAL B 114 -8.16 8.99 -9.00
CA VAL B 114 -6.73 8.97 -9.38
C VAL B 114 -5.79 9.62 -8.34
N PRO B 115 -4.55 9.10 -8.23
CA PRO B 115 -3.65 9.71 -7.27
C PRO B 115 -3.26 11.01 -7.95
N VAL B 116 -3.40 12.12 -7.23
CA VAL B 116 -3.06 13.41 -7.80
C VAL B 116 -1.91 14.11 -7.06
N HIS B 117 -1.82 13.90 -5.75
CA HIS B 117 -0.80 14.58 -4.96
C HIS B 117 -0.26 13.75 -3.79
N PHE B 118 1.06 13.67 -3.69
CA PHE B 118 1.67 12.94 -2.58
C PHE B 118 1.54 13.82 -1.33
N ASP B 119 0.74 13.39 -0.37
CA ASP B 119 0.55 14.19 0.82
C ASP B 119 1.63 14.02 1.89
N GLY B 120 2.36 12.92 1.83
CA GLY B 120 3.42 12.68 2.79
C GLY B 120 3.68 11.20 3.04
#